data_7WQJ
#
_entry.id   7WQJ
#
_cell.length_a   82.515
_cell.length_b   92.771
_cell.length_c   97.703
_cell.angle_alpha   90.000
_cell.angle_beta   90.000
_cell.angle_gamma   90.000
#
_symmetry.space_group_name_H-M   'P 21 21 21'
#
loop_
_entity.id
_entity.type
_entity.pdbx_description
1 polymer '3C-like proteinase'
2 non-polymer '[(3~{S})-3-[[(2~{S})-2-[(4-methoxy-1~{H}-indol-2-yl)carbonylamino]-4-methyl-pentanoyl]amino]-2-oxidanylidene-4-[(3~{R})-2-oxidanylidene-3,4-dihydropyrrol-3-yl]butyl] dihydrogen phosphate'
3 water water
#
_entity_poly.entity_id   1
_entity_poly.type   'polypeptide(L)'
_entity_poly.pdbx_seq_one_letter_code
;GLVKMSHPSGDVEACMVQVTCGSMTLNGLWLDNTVWCPRHVMCPADQLSDPNYDALLISMTNHSFSVQKHIGAPANLRVV
GHAMQGTLLKLTVDVANPSTPAYTFTTVKPGAAFSVLACYNGRPTGTFTVVMRPNYTIKGSFLCGSCGSVGYTKEGSVIN
FCYMHQMELANGTHTGSAFDGTMYGAFMDKQVHQVQLTDKYCSVNVVAWLYAAILNGCAWFVKPNRTSVVSFNEWALANQ
FTEFVGTQSVDMLAVKTGVAIEQLLYAIQQLYTGFQGKQILGSTMLEDEFTPEDVNMQIM
;
_entity_poly.pdbx_strand_id   A,B
#
loop_
_chem_comp.id
_chem_comp.type
_chem_comp.name
_chem_comp.formula
80I non-polymer '[(3~{S})-3-[[(2~{S})-2-[(4-methoxy-1~{H}-indol-2-yl)carbonylamino]-4-methyl-pentanoyl]amino]-2-oxidanylidene-4-[(3~{R})-2-oxidanylidene-3,4-dihydropyrrol-3-yl]butyl] dihydrogen phosphate' 'C24 H33 N4 O9 P'
#
# COMPACT_ATOMS: atom_id res chain seq x y z
N LEU A 2 -0.09 2.27 12.49
CA LEU A 2 -0.33 3.28 11.45
C LEU A 2 0.35 2.89 10.14
N VAL A 3 -0.37 2.18 9.29
CA VAL A 3 0.18 1.63 8.06
C VAL A 3 -0.32 2.44 6.86
N LYS A 4 0.50 2.48 5.82
CA LYS A 4 0.07 3.03 4.53
C LYS A 4 -0.97 2.11 3.89
N MET A 5 -2.15 2.62 3.60
CA MET A 5 -3.24 1.79 3.13
C MET A 5 -3.88 2.38 1.89
N SER A 6 -4.01 1.57 0.85
CA SER A 6 -4.79 1.95 -0.32
C SER A 6 -6.14 1.28 -0.27
N HIS A 7 -7.02 1.76 -1.13
CA HIS A 7 -8.27 1.07 -1.38
C HIS A 7 -8.01 -0.24 -2.11
N PRO A 8 -8.97 -1.16 -2.08
CA PRO A 8 -8.97 -2.22 -3.08
C PRO A 8 -8.97 -1.62 -4.50
N SER A 9 -8.42 -2.39 -5.44
CA SER A 9 -8.15 -1.93 -6.79
C SER A 9 -8.86 -2.74 -7.86
N GLY A 10 -9.52 -3.85 -7.51
CA GLY A 10 -10.16 -4.68 -8.52
C GLY A 10 -11.10 -3.92 -9.43
N ASP A 11 -11.87 -2.99 -8.86
CA ASP A 11 -12.69 -2.10 -9.67
C ASP A 11 -11.86 -1.39 -10.74
N VAL A 12 -10.85 -0.63 -10.30
CA VAL A 12 -10.01 0.11 -11.25
C VAL A 12 -9.27 -0.85 -12.19
N GLU A 13 -8.79 -2.00 -11.68
CA GLU A 13 -8.11 -2.95 -12.56
C GLU A 13 -8.99 -3.33 -13.75
N ALA A 14 -10.32 -3.42 -13.54
CA ALA A 14 -11.24 -3.84 -14.60
C ALA A 14 -11.28 -2.86 -15.74
N CYS A 15 -10.76 -1.64 -15.55
CA CYS A 15 -10.87 -0.56 -16.53
C CYS A 15 -9.57 -0.28 -17.27
N MET A 16 -8.47 -0.92 -16.89
CA MET A 16 -7.19 -0.62 -17.50
C MET A 16 -7.09 -1.26 -18.87
N VAL A 17 -6.24 -0.66 -19.70
CA VAL A 17 -6.30 -0.82 -21.15
C VAL A 17 -4.96 -0.36 -21.71
N GLN A 18 -4.47 -1.03 -22.74
CA GLN A 18 -3.29 -0.57 -23.45
C GLN A 18 -3.71 0.28 -24.65
N VAL A 19 -3.06 1.42 -24.82
CA VAL A 19 -3.30 2.28 -25.97
C VAL A 19 -2.02 2.40 -26.75
N THR A 20 -2.11 2.27 -28.06
CA THR A 20 -0.94 2.18 -28.91
C THR A 20 -1.15 3.09 -30.11
N CYS A 21 -0.16 3.94 -30.42
CA CYS A 21 -0.28 4.94 -31.49
C CYS A 21 1.06 5.01 -32.23
N GLY A 22 1.15 4.27 -33.34
CA GLY A 22 2.41 4.16 -34.03
C GLY A 22 3.43 3.47 -33.14
N SER A 23 4.59 4.10 -32.95
CA SER A 23 5.62 3.49 -32.13
C SER A 23 5.30 3.54 -30.65
N MET A 24 4.48 4.49 -30.22
CA MET A 24 4.26 4.78 -28.81
C MET A 24 3.17 3.90 -28.18
N THR A 25 3.31 3.64 -26.88
CA THR A 25 2.35 2.82 -26.16
C THR A 25 2.33 3.15 -24.67
N LEU A 26 1.15 3.14 -24.08
CA LEU A 26 1.02 3.32 -22.64
C LEU A 26 -0.37 2.87 -22.21
N ASN A 27 -0.75 3.23 -20.99
CA ASN A 27 -1.99 2.77 -20.37
C ASN A 27 -3.11 3.79 -20.57
N GLY A 28 -4.36 3.30 -20.59
CA GLY A 28 -5.53 4.15 -20.55
C GLY A 28 -6.58 3.60 -19.58
N LEU A 29 -7.63 4.39 -19.38
CA LEU A 29 -8.74 4.03 -18.50
C LEU A 29 -10.03 4.01 -19.30
N TRP A 30 -10.78 2.90 -19.23
CA TRP A 30 -11.92 2.65 -20.12
C TRP A 30 -13.23 2.67 -19.33
N LEU A 31 -13.96 3.77 -19.44
CA LEU A 31 -15.20 3.98 -18.70
C LEU A 31 -16.26 4.37 -19.70
N ASP A 32 -17.37 3.63 -19.71
CA ASP A 32 -18.46 3.82 -20.68
C ASP A 32 -17.89 3.58 -22.08
N ASN A 33 -18.07 4.51 -23.04
CA ASN A 33 -17.50 4.40 -24.38
C ASN A 33 -16.25 5.24 -24.54
N THR A 34 -15.75 5.80 -23.46
CA THR A 34 -14.60 6.68 -23.49
C THR A 34 -13.41 5.93 -22.93
N VAL A 35 -12.27 6.03 -23.61
CA VAL A 35 -10.98 5.62 -23.07
C VAL A 35 -10.17 6.87 -22.85
N TRP A 36 -9.71 7.08 -21.63
CA TRP A 36 -8.87 8.23 -21.33
C TRP A 36 -7.40 7.84 -21.40
N CYS A 37 -6.56 8.79 -21.82
CA CYS A 37 -5.13 8.53 -21.79
C CYS A 37 -4.27 9.78 -21.98
N PRO A 38 -3.01 9.76 -21.57
CA PRO A 38 -2.14 10.93 -21.76
C PRO A 38 -1.93 11.18 -23.25
N ARG A 39 -1.98 12.44 -23.65
CA ARG A 39 -2.03 12.71 -25.08
C ARG A 39 -0.67 12.51 -25.77
N HIS A 40 0.44 12.41 -25.03
CA HIS A 40 1.73 12.36 -25.74
C HIS A 40 1.94 11.06 -26.56
N VAL A 41 0.98 10.12 -26.54
CA VAL A 41 1.09 8.91 -27.34
C VAL A 41 1.15 9.24 -28.82
N MET A 42 0.54 10.36 -29.22
CA MET A 42 0.58 10.79 -30.62
C MET A 42 1.97 11.22 -31.01
N CYS A 43 2.67 11.86 -30.10
CA CYS A 43 3.99 12.34 -30.45
C CYS A 43 4.91 11.15 -30.68
N PRO A 44 5.61 11.11 -31.81
CA PRO A 44 6.68 10.12 -31.98
C PRO A 44 7.80 10.36 -30.97
N ALA A 45 8.47 9.27 -30.60
CA ALA A 45 9.41 9.31 -29.47
C ALA A 45 10.47 10.41 -29.65
N ASP A 46 11.00 10.54 -30.87
CA ASP A 46 11.98 11.58 -31.16
C ASP A 46 11.50 12.96 -30.72
N GLN A 47 10.35 13.39 -31.26
CA GLN A 47 9.88 14.76 -31.30
C GLN A 47 9.19 15.25 -30.02
N LEU A 48 9.43 14.61 -28.88
CA LEU A 48 8.82 15.03 -27.62
C LEU A 48 9.42 16.29 -27.03
N SER A 49 10.66 16.66 -27.41
CA SER A 49 11.29 17.86 -26.83
C SER A 49 10.36 19.06 -26.90
N ASP A 50 9.66 19.23 -28.01
CA ASP A 50 8.53 20.14 -27.99
C ASP A 50 7.55 19.77 -29.10
N PRO A 51 6.52 19.01 -28.79
CA PRO A 51 5.56 18.64 -29.82
C PRO A 51 4.56 19.76 -30.08
N ASN A 52 3.91 19.66 -31.23
CA ASN A 52 2.77 20.47 -31.56
C ASN A 52 1.54 19.58 -31.51
N TYR A 53 1.12 19.25 -30.29
CA TYR A 53 0.00 18.34 -30.11
C TYR A 53 -1.20 18.75 -30.96
N ASP A 54 -1.32 20.04 -31.28
CA ASP A 54 -2.40 20.46 -32.14
C ASP A 54 -2.21 19.96 -33.57
N ALA A 55 -0.98 20.07 -34.08
CA ALA A 55 -0.66 19.43 -35.35
C ALA A 55 -0.89 17.93 -35.28
N LEU A 56 -0.18 17.26 -34.35
CA LEU A 56 -0.26 15.81 -34.20
C LEU A 56 -1.71 15.29 -34.17
N LEU A 57 -2.64 16.03 -33.56
CA LEU A 57 -3.99 15.49 -33.44
C LEU A 57 -4.72 15.48 -34.78
N ILE A 58 -4.58 16.54 -35.57
CA ILE A 58 -5.30 16.53 -36.85
C ILE A 58 -4.67 15.53 -37.80
N SER A 59 -3.35 15.28 -37.67
CA SER A 59 -2.69 14.28 -38.48
C SER A 59 -3.26 12.89 -38.24
N MET A 60 -4.11 12.72 -37.23
CA MET A 60 -4.61 11.41 -36.88
C MET A 60 -5.75 11.01 -37.82
N THR A 61 -5.89 9.71 -38.04
CA THR A 61 -6.89 9.13 -38.93
C THR A 61 -7.77 8.18 -38.14
N ASN A 62 -8.68 7.50 -38.87
CA ASN A 62 -9.65 6.60 -38.23
C ASN A 62 -8.98 5.49 -37.43
N HIS A 63 -7.80 5.04 -37.87
CA HIS A 63 -7.17 3.86 -37.27
C HIS A 63 -5.79 4.19 -36.70
N SER A 64 -5.67 5.40 -36.15
CA SER A 64 -4.41 5.84 -35.57
C SER A 64 -4.14 5.16 -34.24
N PHE A 65 -5.19 4.86 -33.49
CA PHE A 65 -5.06 4.30 -32.14
C PHE A 65 -5.60 2.89 -32.14
N SER A 66 -4.80 1.95 -31.66
CA SER A 66 -5.27 0.61 -31.34
C SER A 66 -5.28 0.46 -29.84
N VAL A 67 -6.24 -0.31 -29.35
CA VAL A 67 -6.61 -0.31 -27.95
C VAL A 67 -6.92 -1.75 -27.56
N GLN A 68 -6.24 -2.24 -26.53
CA GLN A 68 -6.41 -3.62 -26.14
C GLN A 68 -6.75 -3.69 -24.66
N LYS A 69 -7.58 -4.67 -24.32
CA LYS A 69 -7.84 -5.05 -22.93
C LYS A 69 -7.20 -6.39 -22.71
N HIS A 70 -6.39 -6.51 -21.66
CA HIS A 70 -5.62 -7.73 -21.45
C HIS A 70 -6.12 -8.58 -20.29
N ILE A 71 -6.75 -7.97 -19.29
CA ILE A 71 -7.20 -8.70 -18.10
C ILE A 71 -8.70 -8.89 -18.20
N GLY A 72 -9.21 -9.90 -17.49
CA GLY A 72 -10.60 -10.27 -17.66
C GLY A 72 -10.86 -10.75 -19.08
N ALA A 73 -12.02 -10.38 -19.62
CA ALA A 73 -12.40 -10.77 -20.98
C ALA A 73 -11.58 -9.98 -21.97
N PRO A 74 -10.58 -10.59 -22.60
CA PRO A 74 -9.73 -9.83 -23.51
C PRO A 74 -10.53 -9.34 -24.72
N ALA A 75 -9.97 -8.35 -25.39
CA ALA A 75 -10.70 -7.64 -26.45
C ALA A 75 -9.81 -6.60 -27.09
N ASN A 76 -9.85 -6.52 -28.42
CA ASN A 76 -9.50 -5.29 -29.11
C ASN A 76 -10.76 -4.44 -29.22
N LEU A 77 -10.59 -3.13 -29.14
CA LEU A 77 -11.71 -2.22 -29.26
C LEU A 77 -11.46 -1.27 -30.41
N ARG A 78 -12.47 -1.11 -31.26
CA ARG A 78 -12.37 -0.14 -32.34
C ARG A 78 -12.78 1.22 -31.81
N VAL A 79 -11.92 2.23 -32.04
CA VAL A 79 -12.20 3.59 -31.62
C VAL A 79 -12.98 4.27 -32.74
N VAL A 80 -13.94 5.12 -32.37
CA VAL A 80 -14.82 5.75 -33.34
C VAL A 80 -14.76 7.27 -33.28
N GLY A 81 -13.85 7.84 -32.52
CA GLY A 81 -13.76 9.27 -32.45
C GLY A 81 -12.69 9.67 -31.46
N HIS A 82 -11.84 10.62 -31.82
CA HIS A 82 -10.84 11.09 -30.89
C HIS A 82 -11.00 12.58 -30.66
N ALA A 83 -11.13 12.97 -29.40
CA ALA A 83 -11.08 14.35 -28.98
C ALA A 83 -9.94 14.50 -27.99
N MET A 84 -9.44 15.73 -27.87
CA MET A 84 -8.40 16.05 -26.92
C MET A 84 -8.99 16.92 -25.84
N GLN A 85 -8.30 17.00 -24.69
CA GLN A 85 -8.76 17.84 -23.60
C GLN A 85 -7.66 17.98 -22.55
N GLY A 86 -7.11 19.19 -22.44
CA GLY A 86 -5.92 19.36 -21.65
C GLY A 86 -4.83 18.47 -22.17
N THR A 87 -4.06 17.91 -21.24
CA THR A 87 -2.96 16.99 -21.51
C THR A 87 -3.42 15.54 -21.71
N LEU A 88 -4.72 15.33 -21.92
CA LEU A 88 -5.29 13.99 -22.05
C LEU A 88 -5.92 13.82 -23.42
N LEU A 89 -5.94 12.58 -23.88
CA LEU A 89 -6.73 12.19 -25.03
C LEU A 89 -7.99 11.51 -24.55
N LYS A 90 -9.11 12.03 -24.97
CA LYS A 90 -10.42 11.46 -24.70
C LYS A 90 -10.79 10.68 -25.95
N LEU A 91 -10.64 9.36 -25.91
CA LEU A 91 -10.96 8.49 -27.05
C LEU A 91 -12.36 7.88 -26.94
N THR A 92 -13.05 7.77 -28.07
CA THR A 92 -14.41 7.26 -28.11
C THR A 92 -14.40 5.85 -28.72
N VAL A 93 -14.99 4.89 -27.99
CA VAL A 93 -14.97 3.49 -28.41
C VAL A 93 -16.39 2.96 -28.53
N ASP A 94 -16.62 2.11 -29.55
CA ASP A 94 -17.94 1.56 -29.88
C ASP A 94 -18.40 0.48 -28.91
N VAL A 95 -17.79 0.29 -27.74
CA VAL A 95 -18.30 -0.65 -26.74
C VAL A 95 -18.17 0.01 -25.38
N ALA A 96 -19.28 0.11 -24.67
CA ALA A 96 -19.23 0.65 -23.32
C ALA A 96 -18.68 -0.39 -22.35
N ASN A 97 -17.86 0.06 -21.41
CA ASN A 97 -17.18 -0.91 -20.55
C ASN A 97 -18.19 -1.56 -19.64
N PRO A 98 -18.41 -2.86 -19.75
CA PRO A 98 -19.43 -3.53 -18.90
C PRO A 98 -19.11 -3.51 -17.43
N SER A 99 -17.84 -3.39 -17.06
CA SER A 99 -17.43 -3.25 -15.67
C SER A 99 -17.28 -1.79 -15.23
N THR A 100 -17.94 -0.84 -15.91
CA THR A 100 -17.82 0.56 -15.51
C THR A 100 -18.43 0.78 -14.12
N PRO A 101 -17.73 1.41 -13.20
CA PRO A 101 -18.32 1.73 -11.90
C PRO A 101 -18.88 3.14 -11.88
N ALA A 102 -19.64 3.42 -10.83
CA ALA A 102 -20.04 4.79 -10.54
C ALA A 102 -18.81 5.60 -10.17
N TYR A 103 -18.59 6.68 -10.90
CA TYR A 103 -17.35 7.41 -10.70
C TYR A 103 -17.58 8.92 -10.76
N THR A 104 -16.62 9.65 -10.21
CA THR A 104 -16.52 11.09 -10.40
C THR A 104 -15.08 11.46 -10.71
N PHE A 105 -14.90 12.70 -11.16
CA PHE A 105 -13.60 13.28 -11.47
C PHE A 105 -13.45 14.50 -10.58
N THR A 106 -12.76 14.35 -9.46
CA THR A 106 -12.51 15.45 -8.54
C THR A 106 -11.01 15.69 -8.50
N THR A 107 -10.61 16.95 -8.64
CA THR A 107 -9.20 17.30 -8.50
C THR A 107 -8.80 17.16 -7.05
N VAL A 108 -7.60 16.66 -6.79
CA VAL A 108 -7.13 16.50 -5.42
C VAL A 108 -6.30 17.71 -5.02
N LYS A 109 -6.41 18.11 -3.76
CA LYS A 109 -5.63 19.25 -3.28
C LYS A 109 -4.47 18.76 -2.42
N PRO A 110 -3.42 19.56 -2.26
CA PRO A 110 -2.24 19.07 -1.52
C PRO A 110 -2.59 18.64 -0.10
N GLY A 111 -1.93 17.58 0.36
CA GLY A 111 -2.16 17.00 1.66
C GLY A 111 -3.03 15.75 1.63
N ALA A 112 -3.87 15.61 0.61
CA ALA A 112 -4.82 14.52 0.57
C ALA A 112 -4.19 13.26 -0.03
N ALA A 113 -4.69 12.11 0.41
CA ALA A 113 -4.14 10.80 0.05
C ALA A 113 -4.98 10.19 -1.06
N PHE A 114 -4.33 9.46 -1.94
CA PHE A 114 -5.11 8.75 -2.93
C PHE A 114 -4.37 7.48 -3.29
N SER A 115 -5.11 6.52 -3.83
CA SER A 115 -4.58 5.21 -4.19
C SER A 115 -4.16 5.24 -5.64
N VAL A 116 -3.04 4.61 -5.94
CA VAL A 116 -2.52 4.54 -7.30
C VAL A 116 -2.49 3.07 -7.71
N LEU A 117 -2.79 2.81 -8.97
CA LEU A 117 -2.66 1.47 -9.52
C LEU A 117 -1.69 1.54 -10.69
N ALA A 118 -0.47 1.03 -10.49
CA ALA A 118 0.58 1.18 -11.47
C ALA A 118 0.45 0.07 -12.51
N CYS A 119 0.43 0.44 -13.78
CA CYS A 119 0.27 -0.54 -14.84
C CYS A 119 1.38 -0.38 -15.85
N TYR A 120 1.70 -1.46 -16.55
CA TYR A 120 2.64 -1.42 -17.67
C TYR A 120 2.09 -2.29 -18.78
N ASN A 121 1.89 -1.70 -19.96
CA ASN A 121 1.26 -2.38 -21.11
C ASN A 121 -0.18 -2.82 -20.78
N GLY A 122 -0.94 -1.91 -20.20
CA GLY A 122 -2.31 -2.22 -19.85
C GLY A 122 -2.48 -3.27 -18.77
N ARG A 123 -1.45 -3.61 -18.01
CA ARG A 123 -1.57 -4.68 -17.02
C ARG A 123 -1.28 -4.16 -15.62
N PRO A 124 -2.24 -4.26 -14.71
CA PRO A 124 -1.95 -3.88 -13.30
C PRO A 124 -0.78 -4.71 -12.78
N THR A 125 0.17 -4.02 -12.12
CA THR A 125 1.28 -4.66 -11.45
C THR A 125 1.38 -4.37 -9.96
N GLY A 126 1.01 -3.17 -9.51
CA GLY A 126 1.11 -2.90 -8.09
C GLY A 126 0.24 -1.74 -7.71
N THR A 127 -0.04 -1.65 -6.42
CA THR A 127 -0.87 -0.58 -5.92
C THR A 127 -0.29 0.00 -4.64
N PHE A 128 -0.36 1.32 -4.53
CA PHE A 128 0.13 2.04 -3.38
C PHE A 128 -0.72 3.29 -3.14
N THR A 129 -0.33 4.03 -2.11
CA THR A 129 -1.01 5.26 -1.73
C THR A 129 0.03 6.37 -1.60
N VAL A 130 -0.31 7.51 -2.17
CA VAL A 130 0.54 8.69 -2.15
C VAL A 130 -0.22 9.79 -1.40
N VAL A 131 0.49 10.85 -1.04
CA VAL A 131 -0.18 12.10 -0.76
C VAL A 131 0.28 13.11 -1.80
N MET A 132 -0.62 14.00 -2.17
CA MET A 132 -0.27 15.06 -3.10
C MET A 132 0.58 16.07 -2.35
N ARG A 133 1.83 16.29 -2.81
CA ARG A 133 2.74 17.18 -2.08
C ARG A 133 2.29 18.63 -2.22
N PRO A 134 2.60 19.46 -1.23
CA PRO A 134 2.30 20.88 -1.34
C PRO A 134 2.83 21.51 -2.62
N ASN A 135 3.81 20.90 -3.28
CA ASN A 135 4.32 21.41 -4.55
C ASN A 135 3.77 20.65 -5.75
N TYR A 136 2.71 19.85 -5.55
CA TYR A 136 1.97 19.21 -6.63
C TYR A 136 2.78 18.14 -7.35
N THR A 137 3.71 17.51 -6.64
CA THR A 137 4.33 16.29 -7.10
C THR A 137 3.90 15.16 -6.17
N ILE A 138 4.14 13.91 -6.58
CA ILE A 138 3.93 12.80 -5.67
C ILE A 138 5.22 12.00 -5.57
N LYS A 139 5.41 11.37 -4.42
CA LYS A 139 6.57 10.51 -4.16
C LYS A 139 6.13 9.08 -4.45
N GLY A 140 6.28 8.66 -5.70
CA GLY A 140 5.76 7.38 -6.10
C GLY A 140 6.81 6.46 -6.69
N SER A 141 6.38 5.32 -7.24
CA SER A 141 7.27 4.31 -7.82
C SER A 141 6.74 3.92 -9.18
N PHE A 142 7.13 4.69 -10.20
CA PHE A 142 6.76 4.49 -11.59
C PHE A 142 8.03 4.25 -12.40
N LEU A 143 7.94 3.33 -13.36
CA LEU A 143 9.06 3.06 -14.26
C LEU A 143 8.66 3.29 -15.72
N CYS A 144 9.43 2.75 -16.65
CA CYS A 144 9.12 2.93 -18.07
C CYS A 144 7.81 2.23 -18.40
N GLY A 145 6.92 2.95 -19.10
CA GLY A 145 5.66 2.39 -19.54
C GLY A 145 4.50 2.52 -18.58
N SER A 146 4.74 3.09 -17.39
CA SER A 146 3.71 3.33 -16.39
C SER A 146 2.85 4.53 -16.74
N CYS A 147 3.17 5.26 -17.80
CA CYS A 147 2.36 6.38 -18.23
C CYS A 147 0.92 5.96 -18.41
N GLY A 148 0.01 6.62 -17.70
CA GLY A 148 -1.40 6.36 -17.81
C GLY A 148 -2.00 5.67 -16.63
N SER A 149 -1.17 5.08 -15.76
CA SER A 149 -1.62 4.56 -14.48
C SER A 149 -2.49 5.61 -13.82
N VAL A 150 -3.37 5.19 -12.92
CA VAL A 150 -4.45 6.05 -12.47
C VAL A 150 -4.43 6.11 -10.95
N GLY A 151 -4.70 7.30 -10.41
CA GLY A 151 -4.93 7.48 -8.98
C GLY A 151 -6.40 7.75 -8.67
N TYR A 152 -6.88 7.16 -7.58
CA TYR A 152 -8.29 7.21 -7.22
C TYR A 152 -8.49 7.21 -5.71
N THR A 153 -9.61 7.80 -5.30
CA THR A 153 -10.18 7.56 -3.99
C THR A 153 -11.59 7.01 -4.16
N LYS A 154 -12.15 6.51 -3.06
CA LYS A 154 -13.46 5.88 -3.06
C LYS A 154 -14.28 6.50 -1.95
N GLU A 155 -15.45 7.02 -2.30
CA GLU A 155 -16.39 7.64 -1.36
C GLU A 155 -17.65 6.79 -1.35
N GLY A 156 -17.72 5.83 -0.44
CA GLY A 156 -18.75 4.82 -0.52
C GLY A 156 -18.35 3.79 -1.55
N SER A 157 -19.16 3.59 -2.59
CA SER A 157 -18.78 2.72 -3.70
C SER A 157 -18.51 3.52 -4.98
N VAL A 158 -18.32 4.83 -4.86
CA VAL A 158 -18.06 5.69 -6.00
C VAL A 158 -16.55 5.89 -6.15
N ILE A 159 -15.98 5.41 -7.25
CA ILE A 159 -14.57 5.66 -7.53
C ILE A 159 -14.41 7.13 -7.87
N ASN A 160 -13.49 7.81 -7.18
CA ASN A 160 -13.16 9.20 -7.53
C ASN A 160 -11.82 9.25 -8.25
N PHE A 161 -11.86 9.30 -9.57
CA PHE A 161 -10.61 9.38 -10.31
C PHE A 161 -10.03 10.79 -10.22
N CYS A 162 -8.76 10.88 -9.80
CA CYS A 162 -8.16 12.18 -9.56
C CYS A 162 -6.80 12.38 -10.22
N TYR A 163 -6.25 11.38 -10.91
CA TYR A 163 -4.86 11.46 -11.39
C TYR A 163 -4.60 10.43 -12.50
N MET A 164 -3.92 10.87 -13.56
CA MET A 164 -3.33 9.98 -14.56
C MET A 164 -1.87 10.36 -14.72
N HIS A 165 -0.98 9.39 -14.54
CA HIS A 165 0.44 9.68 -14.39
C HIS A 165 1.05 10.02 -15.74
N GLN A 166 1.97 10.98 -15.74
CA GLN A 166 2.50 11.44 -17.03
C GLN A 166 4.03 11.57 -17.12
N MET A 167 4.72 11.84 -16.01
CA MET A 167 6.14 12.14 -16.13
C MET A 167 6.85 12.07 -14.78
N GLU A 168 8.18 12.12 -14.85
CA GLU A 168 9.05 12.02 -13.69
C GLU A 168 10.05 13.16 -13.75
N LEU A 169 10.16 13.93 -12.67
CA LEU A 169 11.14 15.02 -12.62
C LEU A 169 12.49 14.51 -12.11
N ALA A 170 13.44 15.42 -11.89
CA ALA A 170 14.78 15.03 -11.43
C ALA A 170 14.74 14.39 -10.05
N ASN A 171 15.30 13.17 -9.97
CA ASN A 171 14.99 12.11 -9.01
C ASN A 171 13.47 11.91 -8.84
N GLY A 172 13.10 10.74 -8.32
CA GLY A 172 11.80 10.11 -8.53
C GLY A 172 10.58 10.79 -7.93
N THR A 173 10.35 12.05 -8.29
CA THR A 173 9.13 12.77 -7.96
C THR A 173 8.27 12.90 -9.23
N HIS A 174 7.01 12.48 -9.15
CA HIS A 174 6.17 12.33 -10.33
C HIS A 174 5.00 13.30 -10.33
N THR A 175 4.44 13.51 -11.53
CA THR A 175 3.20 14.25 -11.66
C THR A 175 2.40 13.69 -12.85
N GLY A 176 1.20 14.22 -13.01
CA GLY A 176 0.30 13.82 -14.06
C GLY A 176 -0.82 14.83 -14.06
N SER A 177 -1.99 14.48 -14.60
CA SER A 177 -3.07 15.43 -14.76
C SER A 177 -4.29 15.01 -13.96
N ALA A 178 -5.13 16.00 -13.64
CA ALA A 178 -6.50 15.68 -13.27
C ALA A 178 -7.25 15.20 -14.50
N PHE A 179 -8.44 14.66 -14.32
CA PHE A 179 -9.11 14.18 -15.51
C PHE A 179 -9.80 15.29 -16.29
N ASP A 180 -9.78 16.51 -15.76
CA ASP A 180 -10.17 17.68 -16.56
C ASP A 180 -9.10 18.01 -17.60
N GLY A 181 -7.92 17.41 -17.50
CA GLY A 181 -6.86 17.61 -18.45
C GLY A 181 -5.66 18.34 -17.89
N THR A 182 -5.81 19.07 -16.79
CA THR A 182 -4.77 20.00 -16.36
C THR A 182 -3.71 19.28 -15.52
N MET A 183 -2.45 19.45 -15.90
CA MET A 183 -1.34 18.98 -15.10
C MET A 183 -1.35 19.66 -13.74
N TYR A 184 -1.27 18.85 -12.68
CA TYR A 184 -0.90 19.37 -11.38
C TYR A 184 0.43 20.09 -11.42
N GLY A 185 0.53 21.23 -10.76
CA GLY A 185 1.73 22.04 -10.87
C GLY A 185 1.95 22.70 -12.21
N ALA A 186 1.07 22.46 -13.20
CA ALA A 186 1.20 22.96 -14.57
C ALA A 186 2.58 22.68 -15.17
N PHE A 187 3.20 21.56 -14.79
CA PHE A 187 4.29 21.01 -15.58
C PHE A 187 3.78 20.71 -16.97
N MET A 188 4.70 20.69 -17.94
CA MET A 188 4.29 20.55 -19.33
C MET A 188 4.52 19.12 -19.80
N ASP A 189 3.53 18.55 -20.48
CA ASP A 189 3.70 17.22 -21.06
C ASP A 189 4.65 17.32 -22.23
N LYS A 190 5.90 17.67 -21.94
CA LYS A 190 6.92 17.86 -22.96
C LYS A 190 8.25 17.42 -22.37
N GLN A 191 9.09 16.78 -23.19
CA GLN A 191 10.39 16.29 -22.71
C GLN A 191 11.39 17.43 -22.60
N VAL A 192 11.27 18.18 -21.52
CA VAL A 192 12.30 19.13 -21.09
C VAL A 192 12.45 19.05 -19.57
N HIS A 193 13.65 19.36 -19.11
CA HIS A 193 13.87 19.50 -17.69
C HIS A 193 12.95 20.60 -17.14
N GLN A 194 12.36 20.35 -15.97
CA GLN A 194 11.42 21.27 -15.35
C GLN A 194 11.74 21.46 -13.88
N VAL A 195 11.72 22.73 -13.45
CA VAL A 195 11.91 23.06 -12.03
C VAL A 195 10.63 22.73 -11.26
N GLN A 196 10.76 21.89 -10.24
CA GLN A 196 9.68 21.74 -9.26
C GLN A 196 9.86 22.79 -8.18
N LEU A 197 8.75 23.41 -7.76
CA LEU A 197 8.85 24.32 -6.64
C LEU A 197 9.39 23.59 -5.42
N THR A 198 9.77 24.37 -4.42
CA THR A 198 10.26 23.76 -3.21
C THR A 198 9.07 23.26 -2.40
N ASP A 199 9.20 22.05 -1.86
CA ASP A 199 8.11 21.44 -1.11
C ASP A 199 7.93 22.14 0.25
N LYS A 200 6.88 21.74 0.95
CA LYS A 200 6.54 22.25 2.28
C LYS A 200 6.03 21.11 3.14
N TYR A 201 5.65 21.45 4.38
CA TYR A 201 5.07 20.49 5.31
C TYR A 201 3.55 20.60 5.28
N CYS A 202 2.88 19.46 5.16
CA CYS A 202 1.41 19.47 5.17
C CYS A 202 0.92 19.65 6.60
N SER A 203 0.76 20.91 7.02
CA SER A 203 0.51 21.21 8.42
C SER A 203 -0.61 20.36 8.99
N VAL A 204 -1.66 20.13 8.22
CA VAL A 204 -2.81 19.42 8.76
C VAL A 204 -2.42 17.98 9.03
N ASN A 205 -1.60 17.41 8.17
CA ASN A 205 -1.29 16.00 8.35
C ASN A 205 -0.33 15.77 9.51
N VAL A 206 0.41 16.80 9.90
CA VAL A 206 1.19 16.70 11.10
C VAL A 206 0.31 16.81 12.34
N VAL A 207 -0.68 17.72 12.31
CA VAL A 207 -1.63 17.78 13.42
C VAL A 207 -2.37 16.45 13.55
N ALA A 208 -2.72 15.80 12.43
CA ALA A 208 -3.33 14.47 12.52
C ALA A 208 -2.37 13.48 13.17
N TRP A 209 -1.11 13.53 12.74
CA TRP A 209 -0.14 12.54 13.19
C TRP A 209 0.15 12.68 14.67
N LEU A 210 0.29 13.93 15.14
CA LEU A 210 0.43 14.18 16.58
C LEU A 210 -0.79 13.66 17.35
N TYR A 211 -2.00 13.84 16.80
CA TYR A 211 -3.18 13.23 17.43
C TYR A 211 -3.09 11.72 17.39
N ALA A 212 -2.45 11.14 16.38
CA ALA A 212 -2.29 9.70 16.38
C ALA A 212 -1.38 9.26 17.52
N ALA A 213 -0.35 10.06 17.82
CA ALA A 213 0.52 9.76 18.95
C ALA A 213 -0.27 9.74 20.26
N ILE A 214 -0.95 10.84 20.58
CA ILE A 214 -1.70 10.94 21.82
C ILE A 214 -2.58 9.71 22.02
N LEU A 215 -3.33 9.33 20.98
CA LEU A 215 -4.19 8.14 21.05
C LEU A 215 -3.43 6.90 21.51
N ASN A 216 -2.19 6.72 21.04
CA ASN A 216 -1.32 5.61 21.43
C ASN A 216 -0.53 5.91 22.69
N GLY A 217 -0.92 6.91 23.47
CA GLY A 217 -0.28 7.16 24.74
C GLY A 217 0.99 7.99 24.71
N CYS A 218 1.36 8.55 23.57
CA CYS A 218 2.56 9.39 23.47
C CYS A 218 2.13 10.84 23.49
N ALA A 219 1.92 11.38 24.70
CA ALA A 219 1.42 12.74 24.87
C ALA A 219 2.48 13.71 25.39
N TRP A 220 3.75 13.28 25.50
CA TRP A 220 4.74 14.08 26.24
C TRP A 220 4.88 15.49 25.69
N PHE A 221 4.54 15.71 24.42
CA PHE A 221 4.79 16.98 23.77
C PHE A 221 3.67 17.99 23.98
N VAL A 222 2.58 17.61 24.63
CA VAL A 222 1.47 18.56 24.83
C VAL A 222 1.80 19.43 26.05
N LYS A 223 1.58 20.72 25.89
CA LYS A 223 1.75 21.73 26.93
C LYS A 223 0.55 22.67 26.83
N PRO A 224 0.15 23.28 27.94
CA PRO A 224 -1.03 24.18 27.89
C PRO A 224 -0.88 25.37 26.95
N ASN A 225 0.32 25.70 26.50
CA ASN A 225 0.48 26.80 25.55
C ASN A 225 -0.30 26.50 24.27
N ARG A 226 -0.69 27.58 23.58
CA ARG A 226 -1.51 27.47 22.37
C ARG A 226 -1.09 28.52 21.36
N THR A 227 -1.02 28.13 20.09
CA THR A 227 -0.87 29.04 18.98
C THR A 227 -2.17 29.06 18.18
N SER A 228 -2.66 30.25 17.85
CA SER A 228 -3.87 30.34 17.04
C SER A 228 -3.55 29.98 15.59
N VAL A 229 -4.57 29.45 14.89
CA VAL A 229 -4.40 29.07 13.49
C VAL A 229 -3.86 30.25 12.69
N VAL A 230 -4.44 31.43 12.88
CA VAL A 230 -4.02 32.61 12.12
C VAL A 230 -2.55 32.92 12.40
N SER A 231 -2.18 32.87 13.68
CA SER A 231 -0.77 33.03 14.03
C SER A 231 0.09 31.99 13.29
N PHE A 232 -0.37 30.74 13.31
CA PHE A 232 0.41 29.66 12.71
C PHE A 232 0.69 29.92 11.23
N ASN A 233 -0.35 30.25 10.46
CA ASN A 233 -0.16 30.32 9.03
C ASN A 233 0.83 31.41 8.65
N GLU A 234 0.73 32.59 9.27
CA GLU A 234 1.77 33.62 9.08
C GLU A 234 3.15 33.05 9.35
N TRP A 235 3.32 32.36 10.48
CA TRP A 235 4.60 31.71 10.80
C TRP A 235 4.98 30.70 9.73
N ALA A 236 4.00 29.87 9.32
CA ALA A 236 4.24 28.82 8.34
C ALA A 236 4.90 29.34 7.07
N LEU A 237 4.46 30.50 6.58
CA LEU A 237 5.00 31.06 5.34
C LEU A 237 6.52 31.07 5.35
N ALA A 238 7.12 31.43 6.49
CA ALA A 238 8.58 31.54 6.59
C ALA A 238 9.26 30.23 6.92
N ASN A 239 8.53 29.22 7.41
CA ASN A 239 9.14 28.02 7.94
C ASN A 239 8.86 26.76 7.14
N GLN A 240 8.43 26.89 5.88
CA GLN A 240 8.24 25.77 4.97
C GLN A 240 7.10 24.85 5.42
N PHE A 241 5.98 25.45 5.84
CA PHE A 241 4.76 24.73 6.12
C PHE A 241 3.61 25.25 5.24
N THR A 242 2.59 24.40 5.08
CA THR A 242 1.34 24.83 4.46
C THR A 242 0.44 25.48 5.49
N GLU A 243 -0.47 26.30 5.01
CA GLU A 243 -1.43 26.95 5.91
C GLU A 243 -2.42 25.92 6.44
N PHE A 244 -2.82 26.09 7.70
CA PHE A 244 -3.66 25.11 8.36
C PHE A 244 -5.12 25.38 8.06
N VAL A 245 -5.82 24.33 7.64
CA VAL A 245 -7.24 24.37 7.33
C VAL A 245 -7.87 23.19 8.04
N GLY A 246 -8.50 23.44 9.19
CA GLY A 246 -9.21 22.41 9.93
C GLY A 246 -10.43 21.85 9.22
N THR A 247 -11.11 20.93 9.87
CA THR A 247 -11.95 19.96 9.17
C THR A 247 -12.82 19.21 10.17
N GLN A 248 -14.00 18.74 9.72
CA GLN A 248 -14.80 17.86 10.55
C GLN A 248 -13.97 16.69 11.10
N SER A 249 -13.01 16.22 10.31
CA SER A 249 -12.21 15.06 10.70
C SER A 249 -11.13 15.42 11.72
N VAL A 250 -10.49 16.58 11.56
CA VAL A 250 -9.53 16.97 12.59
C VAL A 250 -10.27 17.25 13.88
N ASP A 251 -11.51 17.72 13.80
CA ASP A 251 -12.30 17.98 14.99
C ASP A 251 -12.60 16.70 15.75
N MET A 252 -12.77 15.57 15.06
CA MET A 252 -13.06 14.33 15.77
C MET A 252 -11.90 13.96 16.69
N LEU A 253 -10.67 14.17 16.22
CA LEU A 253 -9.49 13.88 17.02
C LEU A 253 -9.44 14.77 18.25
N ALA A 254 -9.58 16.08 18.05
CA ALA A 254 -9.72 17.03 19.15
C ALA A 254 -10.67 16.50 20.23
N VAL A 255 -11.83 15.98 19.83
CA VAL A 255 -12.79 15.54 20.83
C VAL A 255 -12.27 14.28 21.53
N LYS A 256 -12.05 13.18 20.77
CA LYS A 256 -11.71 11.96 21.51
C LYS A 256 -10.33 12.02 22.17
N THR A 257 -9.66 13.18 22.16
CA THR A 257 -8.44 13.35 22.91
C THR A 257 -8.51 14.50 23.90
N GLY A 258 -9.50 15.39 23.76
CA GLY A 258 -9.53 16.59 24.56
C GLY A 258 -8.32 17.48 24.35
N VAL A 259 -7.58 17.28 23.28
CA VAL A 259 -6.41 18.12 22.97
C VAL A 259 -6.80 19.10 21.88
N ALA A 260 -6.62 20.38 22.16
CA ALA A 260 -7.02 21.43 21.24
C ALA A 260 -6.11 21.45 20.01
N ILE A 261 -6.70 21.83 18.88
CA ILE A 261 -5.90 22.02 17.67
C ILE A 261 -4.76 22.98 17.96
N GLU A 262 -5.06 24.06 18.67
CA GLU A 262 -4.08 25.14 18.87
C GLU A 262 -2.94 24.74 19.81
N GLN A 263 -3.13 23.73 20.66
CA GLN A 263 -2.01 23.22 21.43
C GLN A 263 -1.01 22.53 20.53
N LEU A 264 -1.49 21.73 19.57
CA LEU A 264 -0.61 21.04 18.62
C LEU A 264 -0.06 21.98 17.57
N LEU A 265 -0.74 23.10 17.31
CA LEU A 265 -0.14 24.14 16.48
C LEU A 265 1.09 24.72 17.15
N TYR A 266 0.97 25.10 18.42
CA TYR A 266 2.16 25.52 19.17
C TYR A 266 3.17 24.39 19.24
N ALA A 267 2.69 23.17 19.50
CA ALA A 267 3.59 22.02 19.61
C ALA A 267 4.35 21.80 18.31
N ILE A 268 3.72 22.09 17.17
CA ILE A 268 4.43 22.01 15.90
C ILE A 268 5.57 23.02 15.87
N GLN A 269 5.29 24.28 16.24
CA GLN A 269 6.30 25.33 16.16
C GLN A 269 7.56 24.98 16.95
N GLN A 270 7.39 24.31 18.10
CA GLN A 270 8.54 23.89 18.88
C GLN A 270 9.27 22.74 18.19
N LEU A 271 8.55 21.65 17.87
CA LEU A 271 9.19 20.47 17.34
C LEU A 271 9.86 20.70 15.98
N TYR A 272 9.50 21.79 15.27
CA TYR A 272 10.11 22.03 13.97
C TYR A 272 11.63 22.12 14.07
N THR A 273 12.11 22.62 15.22
CA THR A 273 13.54 22.76 15.48
C THR A 273 14.17 21.39 15.68
N GLY A 274 13.79 20.72 16.77
CA GLY A 274 14.31 19.40 17.05
C GLY A 274 13.48 18.73 18.11
N PHE A 275 13.63 17.41 18.19
CA PHE A 275 12.90 16.65 19.19
C PHE A 275 13.57 16.65 20.55
N GLN A 276 14.71 17.34 20.68
CA GLN A 276 15.40 17.47 21.96
C GLN A 276 15.67 16.10 22.57
N GLY A 277 16.11 15.17 21.73
CA GLY A 277 16.43 13.83 22.18
C GLY A 277 15.25 12.96 22.55
N LYS A 278 14.05 13.29 22.08
CA LYS A 278 12.85 12.51 22.32
C LYS A 278 12.42 11.81 21.03
N GLN A 279 11.45 10.89 21.13
CA GLN A 279 10.93 10.18 19.97
C GLN A 279 9.42 10.21 20.03
N ILE A 280 8.78 10.35 18.88
CA ILE A 280 7.33 10.32 18.76
C ILE A 280 6.95 9.23 17.79
N LEU A 281 6.07 8.32 18.22
CA LEU A 281 5.76 7.08 17.50
C LEU A 281 6.95 6.59 16.69
N GLY A 282 8.12 6.57 17.31
CA GLY A 282 9.31 5.97 16.71
C GLY A 282 9.98 6.83 15.68
N SER A 283 10.02 8.14 15.88
CA SER A 283 10.53 8.98 14.82
C SER A 283 11.12 10.27 15.37
N THR A 284 12.08 10.81 14.61
CA THR A 284 12.84 12.00 14.97
C THR A 284 12.33 13.27 14.31
N MET A 285 11.97 13.21 13.04
CA MET A 285 11.36 14.36 12.37
C MET A 285 9.85 14.16 12.37
N LEU A 286 9.13 15.24 12.06
CA LEU A 286 7.68 15.20 11.96
C LEU A 286 7.22 14.53 10.67
N GLU A 287 6.10 13.81 10.77
CA GLU A 287 5.57 12.94 9.72
C GLU A 287 4.30 13.54 9.16
N ASP A 288 4.22 13.72 7.83
CA ASP A 288 3.10 14.48 7.25
C ASP A 288 2.36 13.74 6.14
N GLU A 289 2.51 12.41 6.05
CA GLU A 289 1.85 11.62 5.03
C GLU A 289 0.63 10.85 5.55
N PHE A 290 0.12 11.19 6.71
CA PHE A 290 -1.04 10.51 7.26
C PHE A 290 -2.08 11.58 7.52
N THR A 291 -3.29 11.33 7.04
CA THR A 291 -4.37 12.30 7.03
C THR A 291 -5.20 12.20 8.30
N PRO A 292 -5.98 13.23 8.59
CA PRO A 292 -6.96 13.11 9.68
C PRO A 292 -7.95 11.98 9.46
N GLU A 293 -8.28 11.69 8.20
CA GLU A 293 -9.14 10.55 7.89
C GLU A 293 -8.44 9.23 8.19
N ASP A 294 -7.19 9.11 7.77
CA ASP A 294 -6.35 7.96 8.12
C ASP A 294 -6.38 7.64 9.61
N VAL A 295 -6.02 8.63 10.44
CA VAL A 295 -5.99 8.43 11.89
C VAL A 295 -7.35 8.05 12.42
N ASN A 296 -8.40 8.69 11.88
CA ASN A 296 -9.76 8.38 12.30
C ASN A 296 -10.13 6.93 11.97
N MET A 297 -9.78 6.46 10.78
CA MET A 297 -10.17 5.11 10.38
C MET A 297 -9.39 4.06 11.13
N GLN A 298 -8.07 4.25 11.24
CA GLN A 298 -7.14 3.22 11.72
C GLN A 298 -7.01 3.19 13.24
N ILE A 299 -7.36 4.27 13.94
CA ILE A 299 -7.48 4.23 15.40
C ILE A 299 -8.93 4.55 15.74
N MET A 300 -9.80 3.56 15.48
CA MET A 300 -11.25 3.66 15.62
C MET A 300 -11.83 2.36 16.18
N GLY B 1 13.09 6.98 -3.38
CA GLY B 1 12.16 6.55 -4.42
C GLY B 1 11.45 5.21 -4.17
N LEU B 2 11.18 4.94 -2.89
CA LEU B 2 10.87 3.60 -2.40
C LEU B 2 9.57 3.63 -1.61
N VAL B 3 8.49 3.08 -2.18
CA VAL B 3 7.19 3.15 -1.54
C VAL B 3 6.64 1.74 -1.29
N LYS B 4 5.74 1.66 -0.33
CA LYS B 4 5.17 0.39 0.10
C LYS B 4 4.27 -0.16 -0.98
N MET B 5 4.73 -1.14 -1.74
CA MET B 5 3.92 -1.64 -2.84
C MET B 5 3.27 -2.98 -2.54
N SER B 6 2.00 -3.11 -2.97
CA SER B 6 1.19 -4.31 -2.85
C SER B 6 0.78 -4.78 -4.22
N HIS B 7 0.51 -6.07 -4.33
CA HIS B 7 -0.10 -6.58 -5.56
C HIS B 7 -1.48 -5.96 -5.77
N PRO B 8 -1.89 -5.80 -7.02
CA PRO B 8 -3.28 -5.38 -7.29
C PRO B 8 -4.23 -6.42 -6.72
N SER B 9 -5.18 -5.96 -5.90
CA SER B 9 -5.96 -6.83 -5.02
C SER B 9 -7.07 -7.63 -5.71
N GLY B 10 -7.43 -7.30 -6.96
CA GLY B 10 -8.56 -7.90 -7.63
C GLY B 10 -8.73 -9.39 -7.45
N ASP B 11 -7.83 -10.19 -8.05
CA ASP B 11 -7.88 -11.64 -7.95
C ASP B 11 -8.39 -12.08 -6.59
N VAL B 12 -7.85 -11.50 -5.53
CA VAL B 12 -8.22 -11.93 -4.20
C VAL B 12 -9.60 -11.43 -3.82
N GLU B 13 -9.98 -10.20 -4.21
CA GLU B 13 -11.32 -9.74 -3.89
C GLU B 13 -12.38 -10.70 -4.44
N ALA B 14 -12.12 -11.28 -5.61
CA ALA B 14 -13.06 -12.24 -6.17
C ALA B 14 -13.24 -13.49 -5.30
N CYS B 15 -12.49 -13.64 -4.21
CA CYS B 15 -12.51 -14.86 -3.43
C CYS B 15 -12.99 -14.69 -1.98
N MET B 16 -13.31 -13.46 -1.55
CA MET B 16 -13.63 -13.15 -0.16
C MET B 16 -15.10 -13.41 0.14
N VAL B 17 -15.38 -14.13 1.24
CA VAL B 17 -16.74 -14.37 1.65
C VAL B 17 -16.86 -14.10 3.14
N GLN B 18 -18.12 -14.10 3.60
CA GLN B 18 -18.49 -14.04 5.00
C GLN B 18 -18.87 -15.45 5.47
N VAL B 19 -18.34 -15.85 6.62
CA VAL B 19 -18.66 -17.15 7.21
C VAL B 19 -19.36 -16.94 8.54
N THR B 20 -20.50 -17.62 8.72
CA THR B 20 -21.33 -17.47 9.91
C THR B 20 -21.58 -18.83 10.57
N CYS B 21 -21.46 -18.85 11.90
CA CYS B 21 -21.78 -20.02 12.73
C CYS B 21 -22.54 -19.47 13.93
N GLY B 22 -23.85 -19.71 13.97
CA GLY B 22 -24.69 -19.06 14.95
C GLY B 22 -24.67 -17.57 14.73
N SER B 23 -24.28 -16.82 15.75
CA SER B 23 -24.18 -15.36 15.65
C SER B 23 -22.77 -14.89 15.36
N MET B 24 -21.76 -15.72 15.63
CA MET B 24 -20.37 -15.36 15.33
C MET B 24 -20.16 -15.34 13.82
N THR B 25 -19.45 -14.32 13.32
CA THR B 25 -19.19 -14.20 11.89
C THR B 25 -17.80 -13.59 11.65
N LEU B 26 -17.21 -13.99 10.51
CA LEU B 26 -15.89 -13.53 10.10
C LEU B 26 -15.69 -13.62 8.60
N ASN B 27 -14.46 -13.71 8.16
CA ASN B 27 -14.14 -13.67 6.75
C ASN B 27 -13.63 -15.03 6.30
N GLY B 28 -13.88 -15.35 5.04
CA GLY B 28 -13.38 -16.58 4.48
C GLY B 28 -12.83 -16.36 3.09
N LEU B 29 -12.15 -17.38 2.58
CA LEU B 29 -11.50 -17.37 1.28
C LEU B 29 -12.04 -18.55 0.46
N TRP B 30 -12.82 -18.25 -0.57
CA TRP B 30 -13.52 -19.27 -1.34
C TRP B 30 -12.67 -19.66 -2.55
N LEU B 31 -11.95 -20.77 -2.44
CA LEU B 31 -11.16 -21.28 -3.55
C LEU B 31 -11.79 -22.56 -4.06
N ASP B 32 -12.19 -22.55 -5.34
CA ASP B 32 -12.86 -23.67 -5.96
C ASP B 32 -14.05 -24.11 -5.11
N ASN B 33 -14.06 -25.37 -4.66
CA ASN B 33 -15.14 -25.89 -3.84
C ASN B 33 -14.88 -25.75 -2.35
N THR B 34 -13.77 -25.14 -1.96
CA THR B 34 -13.42 -25.03 -0.56
C THR B 34 -13.57 -23.59 -0.05
N VAL B 35 -13.89 -23.47 1.23
CA VAL B 35 -13.96 -22.19 1.90
C VAL B 35 -13.12 -22.30 3.16
N TRP B 36 -12.12 -21.43 3.29
CA TRP B 36 -11.27 -21.41 4.47
C TRP B 36 -11.63 -20.21 5.33
N CYS B 37 -11.76 -20.45 6.62
CA CYS B 37 -11.92 -19.40 7.62
C CYS B 37 -11.33 -19.90 8.93
N PRO B 38 -11.01 -18.99 9.86
CA PRO B 38 -10.50 -19.44 11.16
C PRO B 38 -11.53 -20.27 11.92
N ARG B 39 -11.03 -21.32 12.62
CA ARG B 39 -11.90 -22.19 13.40
C ARG B 39 -12.53 -21.49 14.58
N HIS B 40 -11.96 -20.40 15.07
CA HIS B 40 -12.66 -19.86 16.22
C HIS B 40 -14.03 -19.26 15.87
N VAL B 41 -14.54 -19.56 14.67
CA VAL B 41 -15.88 -19.12 14.30
C VAL B 41 -16.92 -19.94 15.05
N MET B 42 -16.67 -21.23 15.26
CA MET B 42 -17.62 -22.08 15.97
C MET B 42 -17.81 -21.65 17.41
N CYS B 43 -16.79 -21.11 18.04
CA CYS B 43 -16.81 -21.00 19.49
C CYS B 43 -17.71 -19.85 19.93
N PRO B 44 -18.67 -20.10 20.82
CA PRO B 44 -19.47 -19.01 21.38
C PRO B 44 -18.59 -18.06 22.19
N ALA B 45 -19.02 -16.79 22.24
CA ALA B 45 -18.26 -15.77 22.96
C ALA B 45 -17.87 -16.20 24.37
N ASP B 46 -18.69 -17.04 25.00
CA ASP B 46 -18.45 -17.45 26.38
C ASP B 46 -17.28 -18.41 26.49
N GLN B 47 -17.18 -19.38 25.58
CA GLN B 47 -16.11 -20.36 25.65
C GLN B 47 -14.81 -19.89 25.02
N LEU B 48 -14.76 -18.67 24.46
CA LEU B 48 -13.56 -18.20 23.77
C LEU B 48 -12.33 -18.21 24.67
N SER B 49 -12.51 -18.07 26.00
CA SER B 49 -11.37 -18.02 26.90
C SER B 49 -10.64 -19.36 27.01
N ASP B 50 -11.35 -20.49 26.84
CA ASP B 50 -10.71 -21.81 26.77
C ASP B 50 -11.60 -22.73 25.94
N PRO B 51 -11.48 -22.66 24.62
CA PRO B 51 -12.32 -23.46 23.74
C PRO B 51 -11.83 -24.88 23.61
N ASN B 52 -12.74 -25.74 23.18
CA ASN B 52 -12.48 -27.18 23.02
C ASN B 52 -12.89 -27.52 21.59
N TYR B 53 -12.02 -27.14 20.64
CA TYR B 53 -12.40 -27.22 19.24
C TYR B 53 -12.69 -28.64 18.79
N ASP B 54 -12.01 -29.63 19.38
CA ASP B 54 -12.36 -31.00 19.06
C ASP B 54 -13.80 -31.29 19.44
N ALA B 55 -14.29 -30.67 20.51
CA ALA B 55 -15.70 -30.79 20.88
C ALA B 55 -16.57 -30.06 19.88
N LEU B 56 -16.31 -28.76 19.72
CA LEU B 56 -17.09 -27.91 18.83
C LEU B 56 -17.29 -28.56 17.46
N LEU B 57 -16.20 -29.09 16.89
CA LEU B 57 -16.29 -29.72 15.58
C LEU B 57 -17.39 -30.78 15.53
N ILE B 58 -17.28 -31.80 16.38
CA ILE B 58 -18.23 -32.91 16.33
C ILE B 58 -19.64 -32.42 16.66
N SER B 59 -19.74 -31.46 17.58
CA SER B 59 -21.00 -30.81 17.90
C SER B 59 -21.57 -29.99 16.76
N MET B 60 -20.84 -29.79 15.67
CA MET B 60 -21.30 -28.93 14.60
C MET B 60 -21.77 -29.77 13.43
N THR B 61 -22.43 -29.09 12.49
CA THR B 61 -22.94 -29.75 11.30
C THR B 61 -23.08 -28.70 10.20
N ASN B 62 -23.20 -29.17 8.95
CA ASN B 62 -23.16 -28.26 7.80
C ASN B 62 -24.18 -27.14 7.91
N HIS B 63 -25.27 -27.36 8.64
CA HIS B 63 -26.29 -26.34 8.81
C HIS B 63 -25.87 -25.29 9.84
N SER B 64 -24.72 -25.49 10.47
CA SER B 64 -24.15 -24.48 11.37
C SER B 64 -23.47 -23.36 10.61
N PHE B 65 -23.04 -23.61 9.37
CA PHE B 65 -22.23 -22.66 8.62
C PHE B 65 -23.03 -22.10 7.45
N SER B 66 -23.17 -20.77 7.41
CA SER B 66 -23.73 -20.08 6.25
C SER B 66 -22.67 -19.18 5.65
N VAL B 67 -22.46 -19.30 4.34
CA VAL B 67 -21.47 -18.54 3.59
C VAL B 67 -22.21 -17.60 2.66
N GLN B 68 -21.76 -16.36 2.60
CA GLN B 68 -22.43 -15.42 1.70
C GLN B 68 -21.40 -14.58 0.97
N LYS B 69 -21.66 -14.34 -0.32
CA LYS B 69 -20.80 -13.59 -1.23
C LYS B 69 -21.42 -12.22 -1.51
N HIS B 70 -20.88 -11.19 -0.86
CA HIS B 70 -21.53 -9.88 -0.89
C HIS B 70 -21.05 -8.99 -2.03
N ILE B 71 -20.04 -9.38 -2.78
CA ILE B 71 -19.40 -8.45 -3.69
C ILE B 71 -19.35 -9.04 -5.08
N GLY B 72 -19.41 -8.17 -6.08
CA GLY B 72 -19.37 -8.61 -7.46
C GLY B 72 -20.50 -9.57 -7.76
N ALA B 73 -20.15 -10.69 -8.39
CA ALA B 73 -21.12 -11.73 -8.73
C ALA B 73 -21.74 -12.30 -7.46
N PRO B 74 -23.02 -12.04 -7.21
CA PRO B 74 -23.64 -12.55 -5.98
C PRO B 74 -23.82 -14.07 -6.04
N ALA B 75 -23.98 -14.68 -4.87
CA ALA B 75 -23.84 -16.14 -4.84
C ALA B 75 -24.72 -16.81 -3.81
N ASN B 76 -25.29 -17.93 -4.26
CA ASN B 76 -26.07 -18.91 -3.49
C ASN B 76 -25.10 -19.95 -2.94
N LEU B 77 -24.66 -19.83 -1.68
CA LEU B 77 -23.55 -20.66 -1.22
C LEU B 77 -23.96 -21.62 -0.11
N ARG B 78 -23.76 -22.92 -0.36
CA ARG B 78 -24.29 -23.97 0.52
C ARG B 78 -23.17 -24.94 0.89
N VAL B 79 -22.94 -25.10 2.21
CA VAL B 79 -21.92 -26.02 2.71
C VAL B 79 -22.39 -27.47 2.61
N VAL B 80 -21.50 -28.36 2.16
CA VAL B 80 -21.81 -29.79 2.15
C VAL B 80 -20.68 -30.62 2.78
N GLY B 81 -19.82 -29.99 3.57
CA GLY B 81 -18.71 -30.71 4.19
C GLY B 81 -17.82 -29.80 5.04
N HIS B 82 -17.21 -30.33 6.09
CA HIS B 82 -16.42 -29.50 6.98
C HIS B 82 -15.32 -30.33 7.63
N ALA B 83 -14.13 -29.74 7.72
CA ALA B 83 -13.03 -30.31 8.47
C ALA B 83 -12.28 -29.17 9.15
N MET B 84 -11.61 -29.49 10.26
CA MET B 84 -10.75 -28.51 10.89
C MET B 84 -9.31 -28.89 10.65
N GLN B 85 -8.46 -27.88 10.52
CA GLN B 85 -7.08 -28.07 10.07
C GLN B 85 -6.21 -27.10 10.86
N GLY B 86 -5.49 -27.62 11.84
CA GLY B 86 -4.86 -26.74 12.79
C GLY B 86 -5.92 -25.78 13.30
N THR B 87 -5.59 -24.48 13.23
CA THR B 87 -6.50 -23.39 13.57
C THR B 87 -7.43 -23.02 12.43
N LEU B 88 -7.42 -23.77 11.33
CA LEU B 88 -8.21 -23.47 10.15
C LEU B 88 -9.40 -24.41 9.96
N LEU B 89 -10.55 -23.86 9.57
CA LEU B 89 -11.72 -24.62 9.15
C LEU B 89 -11.73 -24.77 7.63
N LYS B 90 -11.99 -25.99 7.16
CA LYS B 90 -12.01 -26.32 5.74
C LYS B 90 -13.43 -26.76 5.32
N LEU B 91 -14.33 -25.79 5.12
CA LEU B 91 -15.68 -26.09 4.63
C LEU B 91 -15.65 -26.45 3.14
N THR B 92 -16.61 -27.29 2.74
CA THR B 92 -16.78 -27.66 1.34
C THR B 92 -18.13 -27.17 0.87
N VAL B 93 -18.13 -26.43 -0.24
CA VAL B 93 -19.33 -25.90 -0.82
C VAL B 93 -19.59 -26.60 -2.17
N ASP B 94 -20.82 -26.43 -2.69
CA ASP B 94 -21.25 -27.20 -3.85
C ASP B 94 -21.01 -26.50 -5.18
N VAL B 95 -20.68 -25.21 -5.16
CA VAL B 95 -20.32 -24.45 -6.36
C VAL B 95 -18.85 -24.10 -6.27
N ALA B 96 -18.06 -24.54 -7.26
CA ALA B 96 -16.70 -24.04 -7.37
C ALA B 96 -16.73 -22.54 -7.70
N ASN B 97 -15.86 -21.78 -7.04
CA ASN B 97 -15.68 -20.38 -7.39
C ASN B 97 -15.20 -20.30 -8.82
N PRO B 98 -15.91 -19.62 -9.71
CA PRO B 98 -15.39 -19.45 -11.08
C PRO B 98 -14.21 -18.48 -11.14
N SER B 99 -14.14 -17.52 -10.22
CA SER B 99 -13.02 -16.57 -10.16
C SER B 99 -11.90 -17.04 -9.25
N THR B 100 -11.72 -18.35 -9.13
CA THR B 100 -10.58 -18.96 -8.45
C THR B 100 -9.32 -18.76 -9.27
N PRO B 101 -8.33 -18.04 -8.77
CA PRO B 101 -7.09 -17.85 -9.51
C PRO B 101 -6.11 -18.99 -9.30
N ALA B 102 -5.10 -19.04 -10.16
CA ALA B 102 -3.96 -19.92 -9.92
C ALA B 102 -3.38 -19.65 -8.54
N TYR B 103 -3.22 -20.70 -7.73
CA TYR B 103 -2.82 -20.47 -6.35
C TYR B 103 -2.02 -21.63 -5.78
N THR B 104 -1.28 -21.33 -4.72
CA THR B 104 -0.59 -22.33 -3.90
C THR B 104 -0.64 -21.89 -2.45
N PHE B 105 0.05 -22.64 -1.60
CA PHE B 105 0.11 -22.39 -0.16
C PHE B 105 1.56 -22.52 0.28
N THR B 106 2.26 -21.39 0.46
CA THR B 106 3.59 -21.39 1.05
C THR B 106 3.58 -20.58 2.32
N THR B 107 4.28 -21.10 3.34
CA THR B 107 4.43 -20.40 4.61
C THR B 107 5.58 -19.42 4.49
N VAL B 108 5.34 -18.16 4.87
CA VAL B 108 6.38 -17.15 4.77
C VAL B 108 7.43 -17.36 5.85
N LYS B 109 8.72 -17.23 5.45
CA LYS B 109 9.81 -17.09 6.42
C LYS B 109 9.93 -15.63 6.87
N PRO B 110 10.47 -15.40 8.05
CA PRO B 110 10.61 -14.02 8.55
C PRO B 110 11.41 -13.16 7.60
N GLY B 111 11.12 -11.87 7.62
CA GLY B 111 11.80 -10.91 6.78
C GLY B 111 11.14 -10.69 5.44
N ALA B 112 10.48 -11.73 4.93
CA ALA B 112 9.79 -11.64 3.65
C ALA B 112 8.54 -10.77 3.76
N ALA B 113 8.11 -10.28 2.60
CA ALA B 113 6.98 -9.37 2.51
C ALA B 113 5.81 -10.07 1.87
N PHE B 114 4.60 -9.61 2.19
CA PHE B 114 3.41 -10.06 1.48
C PHE B 114 2.33 -9.00 1.57
N SER B 115 1.45 -9.01 0.58
CA SER B 115 0.25 -8.18 0.56
C SER B 115 -0.84 -8.80 1.43
N VAL B 116 -1.67 -7.95 2.03
CA VAL B 116 -2.81 -8.42 2.80
C VAL B 116 -4.02 -7.57 2.45
N LEU B 117 -5.18 -8.21 2.38
CA LEU B 117 -6.42 -7.58 1.98
C LEU B 117 -7.31 -7.47 3.22
N ALA B 118 -7.53 -6.24 3.69
CA ALA B 118 -8.26 -6.06 4.94
C ALA B 118 -9.74 -6.10 4.64
N CYS B 119 -10.43 -7.12 5.17
CA CYS B 119 -11.83 -7.41 4.90
C CYS B 119 -12.67 -7.36 6.18
N TYR B 120 -13.92 -6.92 6.01
CA TYR B 120 -14.90 -6.89 7.07
C TYR B 120 -16.23 -7.36 6.51
N ASN B 121 -16.79 -8.40 7.14
CA ASN B 121 -18.07 -8.97 6.71
C ASN B 121 -17.97 -9.49 5.28
N GLY B 122 -16.84 -10.10 4.95
CA GLY B 122 -16.65 -10.57 3.59
C GLY B 122 -16.67 -9.47 2.57
N ARG B 123 -16.36 -8.23 2.98
CA ARG B 123 -16.27 -7.08 2.10
C ARG B 123 -14.90 -6.43 2.21
N PRO B 124 -14.07 -6.51 1.18
CA PRO B 124 -12.76 -5.87 1.22
C PRO B 124 -12.87 -4.37 1.43
N THR B 125 -11.99 -3.82 2.26
CA THR B 125 -11.99 -2.38 2.53
C THR B 125 -10.67 -1.72 2.27
N GLY B 126 -9.55 -2.43 2.38
CA GLY B 126 -8.25 -1.84 2.17
C GLY B 126 -7.18 -2.87 1.96
N THR B 127 -6.13 -2.49 1.22
CA THR B 127 -4.94 -3.29 0.98
C THR B 127 -3.70 -2.55 1.53
N PHE B 128 -2.72 -3.34 1.98
CA PHE B 128 -1.48 -2.83 2.53
C PHE B 128 -0.47 -3.97 2.60
N THR B 129 0.81 -3.64 2.50
CA THR B 129 1.84 -4.66 2.53
C THR B 129 2.57 -4.65 3.89
N VAL B 130 2.91 -5.84 4.39
CA VAL B 130 3.65 -6.02 5.65
C VAL B 130 4.83 -6.94 5.40
N VAL B 131 5.62 -7.11 6.45
CA VAL B 131 6.75 -8.03 6.44
C VAL B 131 6.64 -8.92 7.67
N MET B 132 7.04 -10.19 7.52
CA MET B 132 6.84 -11.14 8.62
C MET B 132 7.98 -10.96 9.61
N ARG B 133 7.70 -10.28 10.74
CA ARG B 133 8.68 -10.00 11.77
C ARG B 133 9.38 -11.28 12.26
N PRO B 134 10.60 -11.17 12.78
CA PRO B 134 11.26 -12.37 13.28
C PRO B 134 10.58 -12.95 14.51
N ASN B 135 9.77 -12.17 15.22
CA ASN B 135 8.97 -12.76 16.29
C ASN B 135 7.63 -13.29 15.77
N TYR B 136 7.51 -13.47 14.45
CA TYR B 136 6.37 -14.12 13.81
C TYR B 136 5.05 -13.41 14.13
N THR B 137 5.11 -12.09 14.14
CA THR B 137 3.92 -11.25 14.15
C THR B 137 4.05 -10.25 13.01
N ILE B 138 2.99 -9.46 12.79
CA ILE B 138 3.02 -8.45 11.74
C ILE B 138 2.38 -7.17 12.29
N LYS B 139 2.88 -6.03 11.81
CA LYS B 139 2.39 -4.71 12.20
C LYS B 139 1.44 -4.19 11.14
N GLY B 140 0.30 -4.86 11.03
CA GLY B 140 -0.75 -4.45 10.10
C GLY B 140 -1.65 -3.38 10.71
N SER B 141 -2.76 -3.13 10.02
CA SER B 141 -3.90 -2.45 10.61
C SER B 141 -5.10 -3.37 10.48
N PHE B 142 -5.68 -3.72 11.62
CA PHE B 142 -6.74 -4.72 11.73
C PHE B 142 -7.70 -4.30 12.81
N LEU B 143 -8.98 -4.32 12.49
CA LEU B 143 -9.98 -3.87 13.43
C LEU B 143 -10.91 -5.02 13.83
N CYS B 144 -12.03 -4.64 14.45
CA CYS B 144 -13.05 -5.60 14.89
C CYS B 144 -13.71 -6.22 13.66
N GLY B 145 -13.69 -7.54 13.58
CA GLY B 145 -14.29 -8.22 12.45
C GLY B 145 -13.39 -8.45 11.26
N SER B 146 -12.08 -8.29 11.42
CA SER B 146 -11.14 -8.48 10.32
C SER B 146 -10.52 -9.87 10.29
N CYS B 147 -10.74 -10.71 11.29
CA CYS B 147 -10.16 -12.05 11.20
C CYS B 147 -10.60 -12.69 9.89
N GLY B 148 -9.85 -13.70 9.46
CA GLY B 148 -10.16 -14.27 8.17
C GLY B 148 -9.82 -13.39 6.98
N SER B 149 -9.23 -12.22 7.19
CA SER B 149 -8.57 -11.52 6.08
C SER B 149 -7.36 -12.33 5.63
N VAL B 150 -6.86 -12.07 4.42
CA VAL B 150 -5.84 -12.95 3.86
C VAL B 150 -4.59 -12.20 3.41
N GLY B 151 -3.46 -12.91 3.49
CA GLY B 151 -2.18 -12.41 3.04
C GLY B 151 -1.60 -13.27 1.95
N TYR B 152 -1.15 -12.63 0.88
CA TYR B 152 -0.83 -13.31 -0.37
C TYR B 152 0.37 -12.63 -1.02
N THR B 153 1.16 -13.41 -1.74
CA THR B 153 2.15 -12.92 -2.69
C THR B 153 1.73 -13.38 -4.08
N LYS B 154 2.57 -13.11 -5.08
CA LYS B 154 2.19 -13.39 -6.46
C LYS B 154 3.44 -13.40 -7.34
N GLU B 155 3.91 -14.59 -7.70
CA GLU B 155 4.89 -14.75 -8.77
C GLU B 155 4.17 -15.14 -10.06
N GLY B 156 4.34 -14.32 -11.10
CA GLY B 156 3.69 -14.66 -12.36
C GLY B 156 2.19 -14.55 -12.19
N SER B 157 1.48 -15.61 -12.59
CA SER B 157 0.03 -15.66 -12.42
C SER B 157 -0.37 -16.41 -11.17
N VAL B 158 0.57 -17.03 -10.48
CA VAL B 158 0.25 -17.86 -9.34
C VAL B 158 0.18 -16.99 -8.09
N ILE B 159 -0.97 -16.96 -7.43
CA ILE B 159 -1.08 -16.33 -6.12
C ILE B 159 -0.64 -17.33 -5.07
N ASN B 160 0.37 -16.97 -4.32
CA ASN B 160 0.80 -17.78 -3.18
C ASN B 160 0.11 -17.26 -1.93
N PHE B 161 -0.99 -17.89 -1.54
CA PHE B 161 -1.64 -17.51 -0.30
C PHE B 161 -0.76 -17.94 0.88
N CYS B 162 -0.59 -17.02 1.85
CA CYS B 162 0.36 -17.25 2.94
C CYS B 162 -0.14 -16.90 4.34
N TYR B 163 -1.32 -16.27 4.51
CA TYR B 163 -1.64 -15.76 5.84
C TYR B 163 -3.15 -15.56 5.97
N MET B 164 -3.72 -16.02 7.08
CA MET B 164 -5.10 -15.70 7.44
C MET B 164 -5.11 -15.05 8.81
N HIS B 165 -5.72 -13.87 8.90
CA HIS B 165 -5.65 -13.13 10.14
C HIS B 165 -6.40 -13.89 11.23
N GLN B 166 -5.99 -13.66 12.48
CA GLN B 166 -6.61 -14.35 13.63
C GLN B 166 -6.78 -13.51 14.89
N MET B 167 -5.78 -12.68 15.26
CA MET B 167 -5.81 -12.10 16.60
C MET B 167 -4.90 -10.89 16.72
N GLU B 168 -5.08 -10.13 17.80
CA GLU B 168 -4.27 -8.99 18.19
C GLU B 168 -3.69 -9.21 19.59
N LEU B 169 -2.49 -8.68 19.87
CA LEU B 169 -1.65 -9.13 20.98
C LEU B 169 -1.41 -8.10 22.09
N ALA B 170 -0.37 -7.29 21.93
CA ALA B 170 -0.29 -6.03 22.65
C ALA B 170 -0.92 -5.01 21.72
N ASN B 171 -0.52 -3.74 21.78
CA ASN B 171 -1.07 -2.81 20.82
C ASN B 171 -0.46 -3.06 19.44
N GLY B 172 -1.32 -2.96 18.41
CA GLY B 172 -0.97 -2.83 17.02
C GLY B 172 -0.29 -4.01 16.36
N THR B 173 -0.11 -5.13 17.06
CA THR B 173 0.71 -6.24 16.57
C THR B 173 -0.14 -7.48 16.39
N HIS B 174 -0.08 -8.07 15.20
CA HIS B 174 -1.06 -9.05 14.79
C HIS B 174 -0.36 -10.30 14.26
N THR B 175 -1.12 -11.39 14.20
CA THR B 175 -0.60 -12.68 13.77
C THR B 175 -1.78 -13.54 13.32
N GLY B 176 -1.46 -14.69 12.75
CA GLY B 176 -2.47 -15.51 12.12
C GLY B 176 -1.93 -16.85 11.67
N SER B 177 -2.60 -17.45 10.69
CA SER B 177 -2.33 -18.81 10.24
C SER B 177 -1.68 -18.83 8.86
N ALA B 178 -0.76 -19.78 8.68
CA ALA B 178 -0.53 -20.32 7.35
C ALA B 178 -1.69 -21.23 6.98
N PHE B 179 -1.88 -21.43 5.67
CA PHE B 179 -3.04 -22.21 5.23
C PHE B 179 -2.88 -23.70 5.45
N ASP B 180 -1.75 -24.14 6.01
CA ASP B 180 -1.73 -25.52 6.46
C ASP B 180 -2.36 -25.66 7.84
N GLY B 181 -2.92 -24.57 8.38
CA GLY B 181 -3.56 -24.52 9.67
C GLY B 181 -2.69 -23.94 10.77
N THR B 182 -1.37 -24.05 10.64
CA THR B 182 -0.51 -23.76 11.77
C THR B 182 -0.48 -22.26 12.01
N MET B 183 -0.65 -21.87 13.25
CA MET B 183 -0.49 -20.48 13.65
C MET B 183 1.00 -20.12 13.67
N TYR B 184 1.33 -18.97 13.07
CA TYR B 184 2.68 -18.44 13.16
C TYR B 184 3.03 -18.17 14.60
N GLY B 185 4.29 -18.46 14.95
CA GLY B 185 4.77 -18.18 16.30
C GLY B 185 4.12 -19.02 17.37
N ALA B 186 3.51 -20.14 16.99
CA ALA B 186 2.89 -21.06 17.92
C ALA B 186 1.95 -20.35 18.91
N PHE B 187 1.31 -19.26 18.47
CA PHE B 187 0.36 -18.58 19.33
C PHE B 187 -0.96 -19.36 19.41
N MET B 188 -1.65 -19.23 20.54
CA MET B 188 -2.89 -19.95 20.78
C MET B 188 -4.08 -19.06 20.41
N ASP B 189 -4.94 -19.54 19.51
CA ASP B 189 -6.15 -18.80 19.17
C ASP B 189 -7.18 -18.84 20.30
N LYS B 190 -6.84 -18.24 21.46
CA LYS B 190 -7.71 -18.12 22.62
C LYS B 190 -7.67 -16.68 23.11
N GLN B 191 -8.70 -16.28 23.86
CA GLN B 191 -8.77 -14.90 24.36
C GLN B 191 -7.88 -14.65 25.58
N VAL B 192 -6.97 -15.60 25.91
CA VAL B 192 -5.96 -15.36 26.92
C VAL B 192 -4.96 -14.28 26.45
N HIS B 193 -4.29 -13.65 27.41
CA HIS B 193 -3.16 -12.79 27.09
C HIS B 193 -1.92 -13.62 26.81
N GLN B 194 -1.19 -13.24 25.77
CA GLN B 194 0.02 -13.97 25.39
C GLN B 194 1.15 -12.98 25.14
N VAL B 195 2.36 -13.41 25.53
CA VAL B 195 3.57 -12.60 25.43
C VAL B 195 4.35 -13.02 24.18
N GLN B 196 4.82 -12.03 23.43
CA GLN B 196 5.57 -12.26 22.21
C GLN B 196 7.07 -12.33 22.51
N LEU B 197 7.79 -13.14 21.74
CA LEU B 197 9.24 -13.06 21.78
C LEU B 197 9.69 -11.67 21.31
N THR B 198 10.99 -11.41 21.42
CA THR B 198 11.53 -10.09 21.09
C THR B 198 11.73 -9.96 19.58
N ASP B 199 11.46 -8.75 19.07
CA ASP B 199 11.57 -8.47 17.65
C ASP B 199 13.01 -8.11 17.26
N LYS B 200 13.50 -8.74 16.21
CA LYS B 200 14.84 -8.49 15.72
C LYS B 200 14.78 -7.78 14.38
N TYR B 201 15.87 -7.08 14.08
CA TYR B 201 16.03 -6.44 12.78
C TYR B 201 16.32 -7.49 11.73
N CYS B 202 15.57 -7.49 10.64
CA CYS B 202 15.87 -8.39 9.52
C CYS B 202 17.06 -7.81 8.78
N SER B 203 18.20 -8.49 8.89
CA SER B 203 19.47 -7.91 8.43
C SER B 203 19.50 -7.79 6.93
N VAL B 204 18.89 -8.74 6.21
CA VAL B 204 18.93 -8.75 4.75
C VAL B 204 18.17 -7.55 4.21
N ASN B 205 17.04 -7.22 4.82
CA ASN B 205 16.30 -6.06 4.35
C ASN B 205 17.04 -4.76 4.64
N VAL B 206 17.76 -4.69 5.76
CA VAL B 206 18.61 -3.53 6.03
C VAL B 206 19.65 -3.40 4.92
N VAL B 207 20.26 -4.52 4.55
CA VAL B 207 21.24 -4.50 3.47
C VAL B 207 20.61 -3.93 2.21
N ALA B 208 19.47 -4.48 1.79
CA ALA B 208 18.80 -3.98 0.59
C ALA B 208 18.55 -2.48 0.67
N TRP B 209 18.04 -2.03 1.82
CA TRP B 209 17.73 -0.62 2.02
C TRP B 209 18.97 0.24 1.85
N LEU B 210 20.08 -0.15 2.48
CA LEU B 210 21.36 0.53 2.28
C LEU B 210 21.76 0.53 0.80
N TYR B 211 21.52 -0.58 0.11
CA TYR B 211 21.76 -0.63 -1.33
C TYR B 211 20.91 0.39 -2.08
N ALA B 212 19.64 0.50 -1.71
CA ALA B 212 18.78 1.48 -2.36
C ALA B 212 19.26 2.90 -2.07
N ALA B 213 19.78 3.13 -0.85
CA ALA B 213 20.42 4.39 -0.53
C ALA B 213 21.59 4.70 -1.46
N ILE B 214 22.48 3.72 -1.65
CA ILE B 214 23.59 3.91 -2.57
C ILE B 214 23.08 4.27 -3.97
N LEU B 215 21.99 3.63 -4.39
CA LEU B 215 21.48 3.86 -5.74
C LEU B 215 20.92 5.26 -5.92
N ASN B 216 20.51 5.92 -4.84
CA ASN B 216 20.00 7.29 -4.91
C ASN B 216 21.01 8.32 -4.44
N GLY B 217 22.31 8.00 -4.49
CA GLY B 217 23.37 8.95 -4.18
C GLY B 217 23.75 9.02 -2.72
N CYS B 218 22.87 8.62 -1.81
CA CYS B 218 23.17 8.61 -0.39
C CYS B 218 24.16 7.50 -0.08
N ALA B 219 25.46 7.80 -0.14
CA ALA B 219 26.48 6.79 0.08
C ALA B 219 27.46 7.13 1.19
N TRP B 220 27.26 8.25 1.90
CA TRP B 220 28.27 8.73 2.83
C TRP B 220 28.72 7.67 3.81
N PHE B 221 27.82 6.73 4.15
CA PHE B 221 28.06 5.66 5.12
C PHE B 221 28.91 4.53 4.56
N VAL B 222 29.23 4.53 3.27
CA VAL B 222 29.98 3.42 2.69
C VAL B 222 31.45 3.65 2.97
N LYS B 223 32.05 2.80 3.79
CA LYS B 223 33.48 2.85 4.04
C LYS B 223 34.16 1.63 3.46
N PRO B 224 35.47 1.68 3.29
CA PRO B 224 36.17 0.50 2.78
C PRO B 224 36.14 -0.67 3.72
N ASN B 225 35.90 -0.42 5.01
CA ASN B 225 35.88 -1.48 6.01
C ASN B 225 34.77 -2.51 5.75
N ARG B 226 35.09 -3.75 6.07
CA ARG B 226 34.24 -4.89 5.77
C ARG B 226 34.21 -5.83 6.95
N THR B 227 33.01 -6.27 7.31
CA THR B 227 32.82 -7.35 8.26
C THR B 227 32.28 -8.56 7.52
N SER B 228 32.81 -9.74 7.80
CA SER B 228 32.37 -10.93 7.07
C SER B 228 30.92 -11.28 7.43
N VAL B 229 30.33 -12.19 6.64
CA VAL B 229 29.00 -12.72 6.97
C VAL B 229 29.07 -13.56 8.24
N VAL B 230 30.09 -14.43 8.30
CA VAL B 230 30.30 -15.33 9.44
C VAL B 230 30.53 -14.54 10.70
N SER B 231 31.39 -13.52 10.62
CA SER B 231 31.57 -12.64 11.76
C SER B 231 30.28 -11.88 12.07
N PHE B 232 29.57 -11.40 11.03
CA PHE B 232 28.35 -10.61 11.25
C PHE B 232 27.28 -11.41 11.96
N ASN B 233 26.98 -12.60 11.44
CA ASN B 233 26.01 -13.45 12.12
C ASN B 233 26.38 -13.73 13.57
N GLU B 234 27.64 -13.57 13.95
CA GLU B 234 28.01 -13.71 15.36
C GLU B 234 27.66 -12.45 16.15
N TRP B 235 28.19 -11.30 15.74
CA TRP B 235 27.79 -10.04 16.36
C TRP B 235 26.27 -9.88 16.34
N ALA B 236 25.61 -10.43 15.31
CA ALA B 236 24.17 -10.26 15.15
C ALA B 236 23.41 -10.92 16.31
N LEU B 237 23.82 -12.13 16.71
CA LEU B 237 23.09 -12.89 17.71
C LEU B 237 23.03 -12.17 19.06
N ALA B 238 23.85 -11.14 19.26
CA ALA B 238 23.88 -10.42 20.53
C ALA B 238 23.49 -8.94 20.39
N ASN B 239 22.94 -8.51 19.24
CA ASN B 239 22.50 -7.12 19.12
C ASN B 239 21.07 -7.00 18.60
N GLN B 240 20.24 -8.02 18.76
CA GLN B 240 18.88 -8.04 18.21
C GLN B 240 18.87 -8.01 16.69
N PHE B 241 19.57 -8.95 16.05
CA PHE B 241 19.71 -8.97 14.61
C PHE B 241 19.60 -10.40 14.10
N THR B 242 19.02 -10.53 12.92
CA THR B 242 18.78 -11.83 12.31
C THR B 242 20.02 -12.30 11.56
N GLU B 243 20.17 -13.62 11.47
CA GLU B 243 21.23 -14.16 10.66
C GLU B 243 21.11 -13.59 9.25
N PHE B 244 22.20 -13.02 8.76
CA PHE B 244 22.23 -12.62 7.36
C PHE B 244 22.40 -13.84 6.48
N VAL B 245 21.43 -14.08 5.61
CA VAL B 245 21.49 -15.12 4.58
C VAL B 245 21.44 -14.44 3.23
N GLY B 246 22.54 -14.52 2.47
CA GLY B 246 22.58 -13.87 1.18
C GLY B 246 21.80 -14.64 0.11
N THR B 247 21.27 -13.88 -0.84
CA THR B 247 20.49 -14.42 -1.94
C THR B 247 20.93 -13.77 -3.25
N GLN B 248 20.52 -14.40 -4.36
CA GLN B 248 20.93 -13.91 -5.67
C GLN B 248 20.34 -12.54 -5.97
N SER B 249 19.16 -12.27 -5.47
CA SER B 249 18.63 -10.92 -5.57
C SER B 249 19.56 -9.92 -4.87
N VAL B 250 20.27 -10.36 -3.83
CA VAL B 250 21.20 -9.46 -3.14
C VAL B 250 22.47 -9.29 -3.95
N ASP B 251 22.92 -10.36 -4.59
CA ASP B 251 24.11 -10.26 -5.43
C ASP B 251 23.90 -9.27 -6.56
N MET B 252 22.71 -9.27 -7.17
CA MET B 252 22.39 -8.32 -8.23
C MET B 252 22.58 -6.89 -7.77
N LEU B 253 22.05 -6.56 -6.59
CA LEU B 253 22.27 -5.22 -6.07
C LEU B 253 23.74 -4.95 -5.87
N ALA B 254 24.50 -5.97 -5.41
CA ALA B 254 25.90 -5.76 -5.07
C ALA B 254 26.73 -5.42 -6.29
N VAL B 255 26.32 -5.91 -7.46
CA VAL B 255 27.06 -5.64 -8.68
C VAL B 255 26.75 -4.25 -9.23
N LYS B 256 25.47 -3.88 -9.34
CA LYS B 256 25.24 -2.59 -9.97
C LYS B 256 25.79 -1.43 -9.15
N THR B 257 26.08 -1.63 -7.86
CA THR B 257 26.68 -0.59 -7.06
C THR B 257 28.17 -0.73 -6.93
N GLY B 258 28.71 -1.91 -7.15
CA GLY B 258 30.09 -2.16 -6.83
C GLY B 258 30.41 -1.96 -5.37
N VAL B 259 29.45 -2.19 -4.48
CA VAL B 259 29.68 -2.13 -3.03
C VAL B 259 29.27 -3.49 -2.45
N ALA B 260 30.22 -4.14 -1.76
CA ALA B 260 30.08 -5.53 -1.39
C ALA B 260 29.20 -5.73 -0.15
N ILE B 261 28.61 -6.92 -0.06
CA ILE B 261 27.76 -7.25 1.07
C ILE B 261 28.48 -6.93 2.37
N GLU B 262 29.74 -7.34 2.46
CA GLU B 262 30.54 -7.21 3.67
C GLU B 262 30.89 -5.76 3.99
N GLN B 263 30.89 -4.89 2.98
CA GLN B 263 31.02 -3.48 3.27
C GLN B 263 29.78 -2.97 3.99
N LEU B 264 28.62 -3.47 3.63
CA LEU B 264 27.42 -2.97 4.25
C LEU B 264 27.06 -3.71 5.52
N LEU B 265 27.54 -4.94 5.68
CA LEU B 265 27.45 -5.58 6.98
C LEU B 265 28.22 -4.79 8.03
N TYR B 266 29.43 -4.32 7.69
CA TYR B 266 30.23 -3.59 8.68
C TYR B 266 29.60 -2.24 9.02
N ALA B 267 28.97 -1.58 8.04
CA ALA B 267 28.33 -0.30 8.31
C ALA B 267 27.13 -0.46 9.24
N ILE B 268 26.31 -1.50 9.00
CA ILE B 268 25.22 -1.83 9.90
C ILE B 268 25.69 -1.86 11.34
N GLN B 269 26.86 -2.48 11.57
CA GLN B 269 27.47 -2.50 12.90
C GLN B 269 27.78 -1.10 13.44
N GLN B 270 28.11 -0.15 12.57
CA GLN B 270 28.37 1.21 13.05
C GLN B 270 27.08 2.02 13.19
N LEU B 271 26.12 1.83 12.28
CA LEU B 271 24.93 2.67 12.24
C LEU B 271 23.89 2.32 13.31
N TYR B 272 23.91 1.09 13.81
CA TYR B 272 23.07 0.74 14.95
C TYR B 272 23.49 1.50 16.20
N THR B 273 24.77 1.88 16.27
CA THR B 273 25.29 2.71 17.37
C THR B 273 24.59 4.06 17.41
N GLY B 274 24.32 4.63 16.24
CA GLY B 274 23.73 5.94 16.13
C GLY B 274 24.17 6.59 14.84
N PHE B 275 23.23 7.23 14.14
CA PHE B 275 23.53 7.99 12.93
C PHE B 275 24.31 9.25 13.25
N GLN B 276 24.38 9.63 14.52
CA GLN B 276 25.02 10.87 14.94
C GLN B 276 24.41 12.05 14.18
N GLY B 277 23.07 12.10 14.16
CA GLY B 277 22.37 13.17 13.49
C GLY B 277 22.65 13.26 11.99
N LYS B 278 22.46 12.14 11.30
CA LYS B 278 22.58 12.08 9.86
C LYS B 278 21.37 11.33 9.32
N GLN B 279 21.13 11.46 8.01
CA GLN B 279 19.97 10.83 7.39
C GLN B 279 20.40 9.90 6.25
N ILE B 280 19.64 8.82 6.07
CA ILE B 280 19.74 7.95 4.90
C ILE B 280 18.34 7.79 4.35
N LEU B 281 18.12 8.24 3.11
CA LEU B 281 16.78 8.31 2.55
C LEU B 281 15.79 8.84 3.59
N GLY B 282 16.18 9.88 4.31
CA GLY B 282 15.27 10.58 5.19
C GLY B 282 15.07 10.03 6.59
N SER B 283 15.77 8.97 6.98
CA SER B 283 15.51 8.37 8.29
C SER B 283 16.77 8.28 9.13
N THR B 284 16.55 8.25 10.44
CA THR B 284 17.56 8.18 11.49
C THR B 284 17.72 6.77 12.03
N MET B 285 16.75 5.90 11.79
CA MET B 285 16.81 4.51 12.18
C MET B 285 16.92 3.63 10.94
N LEU B 286 17.57 2.48 11.12
CA LEU B 286 17.69 1.51 10.03
C LEU B 286 16.32 1.07 9.57
N GLU B 287 16.11 1.03 8.26
CA GLU B 287 14.87 0.52 7.66
C GLU B 287 15.01 -0.96 7.34
N ASP B 288 14.07 -1.75 7.82
CA ASP B 288 14.06 -3.19 7.52
C ASP B 288 12.75 -3.65 6.88
N GLU B 289 11.92 -2.73 6.41
CA GLU B 289 10.62 -3.06 5.85
C GLU B 289 10.64 -3.16 4.33
N PHE B 290 11.82 -3.24 3.72
CA PHE B 290 11.97 -3.37 2.27
C PHE B 290 12.90 -4.53 1.93
N THR B 291 12.45 -5.43 1.04
CA THR B 291 13.25 -6.58 0.66
C THR B 291 14.20 -6.25 -0.49
N PRO B 292 15.27 -7.05 -0.65
CA PRO B 292 16.10 -6.89 -1.85
C PRO B 292 15.30 -7.05 -3.13
N GLU B 293 14.34 -7.98 -3.12
CA GLU B 293 13.41 -8.08 -4.24
C GLU B 293 12.72 -6.75 -4.49
N ASP B 294 12.24 -6.13 -3.41
CA ASP B 294 11.62 -4.81 -3.50
C ASP B 294 12.53 -3.83 -4.20
N VAL B 295 13.76 -3.71 -3.69
CA VAL B 295 14.67 -2.68 -4.20
C VAL B 295 14.99 -2.94 -5.65
N ASN B 296 15.07 -4.22 -6.02
CA ASN B 296 15.34 -4.56 -7.41
C ASN B 296 14.20 -4.15 -8.33
N MET B 297 12.96 -4.53 -8.00
CA MET B 297 11.84 -4.21 -8.89
C MET B 297 11.59 -2.71 -8.92
N GLN B 298 11.78 -2.04 -7.79
CA GLN B 298 11.41 -0.63 -7.68
C GLN B 298 12.49 0.31 -8.23
N ILE B 299 13.77 0.02 -7.98
CA ILE B 299 14.87 0.89 -8.43
C ILE B 299 15.57 0.34 -9.67
N MET B 300 15.13 -0.82 -10.17
CA MET B 300 15.52 -1.40 -11.47
C MET B 300 15.91 -0.39 -12.51
C10 80I C . 14.56 15.77 -18.32
C13 80I C . 13.00 15.75 -21.49
C15 80I C . 7.71 11.52 -20.07
C20 80I C . 7.94 8.16 -16.49
C21 80I C . 7.81 7.73 -15.21
C24 80I C . 9.06 7.16 -17.05
C26 80I C . 5.75 7.53 -19.40
C02 80I C . 9.64 12.37 -18.82
C03 80I C . 10.89 13.16 -18.68
C05 80I C . 11.57 13.92 -19.60
C06 80I C . 12.62 14.52 -18.94
C07 80I C . 12.49 14.12 -17.66
C08 80I C . 13.37 14.53 -16.70
C09 80I C . 14.40 15.36 -17.04
C11 80I C . 13.69 15.37 -19.29
C16 80I C . 7.76 10.05 -19.85
C18 80I C . 6.67 8.09 -18.71
C19 80I C . 6.62 8.02 -17.22
C23 80I C . 9.90 7.12 -16.03
C27 80I C . 6.25 6.56 -20.47
C35 80I C . 7.13 11.84 -21.42
C36 80I C . 7.04 13.32 -21.61
C37 80I C . 5.97 13.98 -20.83
C38 80I C . 6.73 13.54 -23.02
N04 80I C . 11.45 13.34 -17.54
N14 80I C . 8.95 12.21 -20.02
N17 80I C . 6.78 9.47 -18.99
N22 80I C . 8.98 7.10 -14.80
O01 80I C . 9.21 11.95 -17.86
O12 80I C . 13.98 15.86 -20.54
O25 80I C . 6.87 7.89 -14.54
O28 80I C . 7.10 5.79 -20.16
O30 80I C . 8.85 6.59 -22.14
O31 80I C . 8.44 4.38 -22.02
O32 80I C . 9.66 5.53 -20.26
O33 80I C . 4.85 6.53 -18.61
O34 80I C . 8.53 9.41 -20.39
P29 80I C . 8.45 5.56 -21.13
#